data_1E9B
#
_entry.id   1E9B
#
_cell.length_a   100.100
_cell.length_b   100.100
_cell.length_c   49.700
_cell.angle_alpha   90.00
_cell.angle_beta   90.00
_cell.angle_gamma   90.00
#
_symmetry.space_group_name_H-M   'P 43 21 2'
#
loop_
_entity.id
_entity.type
_entity.pdbx_description
1 polymer 'THYMIDYLATE KINASE'
2 non-polymer "3'-AZIDO-3'-DEOXYTHYMIDINE-5'-MONOPHOSPHATE"
3 non-polymer "ADENOSINE-5'-DIPHOSPHATE"
4 non-polymer 'PHOSPHOAMINOPHOSPHONIC ACID-ADENYLATE ESTER'
5 non-polymer 'MAGNESIUM ION'
6 water water
#
_entity_poly.entity_id   1
_entity_poly.type   'polypeptide(L)'
_entity_poly.pdbx_seq_one_letter_code
;GSHMAARRGALIVLEGVDRAGKSTQSRKLVEALCAAGHRAELLRFPERSTEIGKLLSSYLQKKSDVEDHSVHLLFSANRW
EQVPLIKEKLSQGVTLVVDRYAFSGVAFTGAKENFSLDWCKQPDVGLPKPDLVLFLQLQLADAAKRGAFGHERYENGAFQ
ERALRCFHQLMKDTTLNWKMVDASKSIEAVHEDIRVLSEDAIATATEKPLGELWK
;
_entity_poly.pdbx_strand_id   A
#
loop_
_chem_comp.id
_chem_comp.type
_chem_comp.name
_chem_comp.formula
ADP non-polymer ADENOSINE-5'-DIPHOSPHATE 'C10 H15 N5 O10 P2'
ANP non-polymer 'PHOSPHOAMINOPHOSPHONIC ACID-ADENYLATE ESTER' 'C10 H17 N6 O12 P3'
ATM DNA linking 3'-AZIDO-3'-DEOXYTHYMIDINE-5'-MONOPHOSPHATE 'C10 H14 N5 O7 P'
MG non-polymer 'MAGNESIUM ION' 'Mg 2'
#
# COMPACT_ATOMS: atom_id res chain seq x y z
N ARG A 7 -19.69 5.96 -13.63
CA ARG A 7 -19.65 5.41 -12.23
C ARG A 7 -18.17 5.10 -11.97
N ARG A 8 -17.54 5.84 -11.07
CA ARG A 8 -16.09 5.63 -10.97
C ARG A 8 -15.71 4.33 -10.28
N GLY A 9 -14.45 3.93 -10.53
CA GLY A 9 -13.94 2.73 -9.83
C GLY A 9 -13.52 3.13 -8.42
N ALA A 10 -13.19 2.15 -7.59
CA ALA A 10 -12.70 2.40 -6.24
C ALA A 10 -11.16 2.32 -6.25
N LEU A 11 -10.57 3.02 -5.29
CA LEU A 11 -9.11 2.93 -5.10
C LEU A 11 -8.92 2.19 -3.80
N ILE A 12 -8.41 0.97 -3.91
CA ILE A 12 -8.25 0.11 -2.74
C ILE A 12 -6.75 -0.16 -2.51
N VAL A 13 -6.30 0.18 -1.30
CA VAL A 13 -4.88 -0.09 -1.01
C VAL A 13 -4.72 -1.22 -0.01
N LEU A 14 -3.71 -2.06 -0.26
CA LEU A 14 -3.36 -3.08 0.74
C LEU A 14 -1.98 -2.68 1.34
N GLU A 15 -2.01 -2.58 2.66
CA GLU A 15 -0.79 -2.34 3.46
C GLU A 15 -0.69 -3.47 4.48
N GLY A 16 0.44 -3.63 5.19
CA GLY A 16 0.47 -4.71 6.16
C GLY A 16 1.88 -5.12 6.52
N VAL A 17 1.99 -5.95 7.58
CA VAL A 17 3.33 -6.33 8.01
C VAL A 17 4.04 -7.27 7.06
N ASP A 18 5.34 -7.45 7.37
CA ASP A 18 6.21 -8.27 6.53
C ASP A 18 5.64 -9.65 6.33
N ARG A 19 5.55 -10.06 5.06
CA ARG A 19 5.03 -11.39 4.78
C ARG A 19 3.61 -11.63 5.21
N ALA A 20 2.82 -10.57 5.43
CA ALA A 20 1.42 -10.79 5.82
C ALA A 20 0.59 -11.25 4.64
N GLY A 21 1.11 -11.02 3.43
CA GLY A 21 0.43 -11.42 2.23
C GLY A 21 -0.11 -10.28 1.38
N LYS A 22 0.49 -9.10 1.40
CA LYS A 22 -0.02 -8.00 0.58
C LYS A 22 -0.04 -8.36 -0.90
N SER A 23 1.05 -8.92 -1.35
CA SER A 23 1.16 -9.15 -2.81
C SER A 23 0.26 -10.31 -3.23
N THR A 24 0.29 -11.36 -2.42
CA THR A 24 -0.57 -12.49 -2.76
C THR A 24 -2.03 -12.04 -2.77
N GLN A 25 -2.44 -11.32 -1.74
CA GLN A 25 -3.85 -10.90 -1.66
C GLN A 25 -4.20 -9.87 -2.72
N SER A 26 -3.27 -8.98 -3.13
CA SER A 26 -3.64 -8.00 -4.14
C SER A 26 -3.89 -8.71 -5.47
N ARG A 27 -3.02 -9.68 -5.76
CA ARG A 27 -3.22 -10.42 -7.02
C ARG A 27 -4.54 -11.19 -6.99
N LYS A 28 -4.78 -11.88 -5.88
CA LYS A 28 -6.01 -12.68 -5.79
C LYS A 28 -7.23 -11.76 -5.83
N LEU A 29 -7.12 -10.59 -5.20
CA LEU A 29 -8.30 -9.71 -5.22
C LEU A 29 -8.64 -9.27 -6.61
N VAL A 30 -7.64 -8.79 -7.38
CA VAL A 30 -7.94 -8.35 -8.75
C VAL A 30 -8.57 -9.49 -9.53
N GLU A 31 -7.95 -10.67 -9.40
CA GLU A 31 -8.48 -11.82 -10.14
C GLU A 31 -9.96 -12.06 -9.81
N ALA A 32 -10.25 -12.08 -8.51
CA ALA A 32 -11.63 -12.37 -8.10
C ALA A 32 -12.57 -11.26 -8.53
N LEU A 33 -12.15 -9.99 -8.44
CA LEU A 33 -13.07 -8.94 -8.87
C LEU A 33 -13.40 -9.06 -10.34
N CYS A 34 -12.40 -9.30 -11.17
CA CYS A 34 -12.60 -9.43 -12.60
C CYS A 34 -13.48 -10.64 -12.93
N ALA A 35 -13.29 -11.69 -12.14
CA ALA A 35 -14.09 -12.90 -12.35
C ALA A 35 -15.54 -12.64 -12.01
N ALA A 36 -15.82 -11.63 -11.21
CA ALA A 36 -17.14 -11.26 -10.77
C ALA A 36 -17.71 -10.09 -11.54
N GLY A 37 -17.12 -9.78 -12.68
CA GLY A 37 -17.62 -8.78 -13.60
C GLY A 37 -17.14 -7.37 -13.41
N HIS A 38 -16.32 -7.15 -12.37
CA HIS A 38 -15.79 -5.81 -12.23
C HIS A 38 -14.61 -5.59 -13.18
N ARG A 39 -14.38 -4.32 -13.49
CA ARG A 39 -13.19 -3.92 -14.21
C ARG A 39 -12.21 -3.50 -13.08
N ALA A 40 -11.18 -4.30 -12.88
CA ALA A 40 -10.25 -3.99 -11.78
C ALA A 40 -8.86 -4.30 -12.32
N GLU A 41 -7.87 -3.52 -11.84
CA GLU A 41 -6.51 -3.70 -12.30
C GLU A 41 -5.58 -3.52 -11.08
N LEU A 42 -4.47 -4.20 -11.16
CA LEU A 42 -3.49 -4.15 -10.08
C LEU A 42 -2.41 -3.11 -10.29
N LEU A 43 -2.05 -2.39 -9.24
CA LEU A 43 -0.92 -1.46 -9.24
C LEU A 43 -0.11 -1.83 -7.99
N ARG A 44 1.17 -1.39 -8.01
CA ARG A 44 1.99 -1.64 -6.84
C ARG A 44 2.98 -0.48 -6.68
N PHE A 45 3.33 -0.21 -5.42
CA PHE A 45 4.40 0.80 -5.22
C PHE A 45 5.43 0.14 -4.33
N PRO A 46 6.71 0.35 -4.59
CA PRO A 46 7.15 1.17 -5.70
C PRO A 46 6.87 0.53 -7.03
N GLU A 47 6.65 1.35 -8.03
CA GLU A 47 6.43 0.90 -9.42
C GLU A 47 7.85 0.97 -10.01
N ARG A 48 8.51 -0.19 -10.04
CA ARG A 48 9.94 -0.16 -10.39
C ARG A 48 10.27 -0.01 -11.85
N SER A 49 9.27 0.14 -12.70
CA SER A 49 9.55 0.20 -14.13
C SER A 49 9.96 1.56 -14.66
N THR A 50 9.54 2.62 -13.98
CA THR A 50 9.85 3.96 -14.49
C THR A 50 11.29 4.35 -14.16
N GLU A 51 11.72 5.51 -14.66
CA GLU A 51 13.08 5.96 -14.35
C GLU A 51 13.29 6.06 -12.85
N ILE A 52 12.32 6.68 -12.20
CA ILE A 52 12.40 6.80 -10.73
C ILE A 52 12.32 5.46 -10.06
N GLY A 53 11.44 4.61 -10.61
CA GLY A 53 11.29 3.25 -10.08
C GLY A 53 12.58 2.46 -10.11
N LYS A 54 13.38 2.60 -11.18
CA LYS A 54 14.68 1.90 -11.22
C LYS A 54 15.65 2.37 -10.14
N LEU A 55 15.62 3.69 -9.86
CA LEU A 55 16.47 4.23 -8.80
C LEU A 55 16.07 3.57 -7.50
N LEU A 56 14.74 3.45 -7.28
CA LEU A 56 14.24 2.86 -6.05
C LEU A 56 14.60 1.38 -5.96
N SER A 57 14.48 0.68 -7.11
CA SER A 57 14.79 -0.75 -7.05
C SER A 57 16.26 -0.97 -6.69
N SER A 58 17.12 -0.19 -7.33
CA SER A 58 18.55 -0.32 -7.01
C SER A 58 18.82 -0.10 -5.54
N TYR A 59 18.17 0.92 -4.95
CA TYR A 59 18.34 1.19 -3.54
C TYR A 59 17.90 0.04 -2.65
N LEU A 60 16.70 -0.46 -2.93
CA LEU A 60 16.14 -1.53 -2.08
C LEU A 60 16.97 -2.81 -2.17
N GLN A 61 17.59 -3.05 -3.31
CA GLN A 61 18.43 -4.24 -3.50
C GLN A 61 19.82 -4.03 -2.92
N LYS A 62 20.06 -2.83 -2.38
CA LYS A 62 21.35 -2.45 -1.84
C LYS A 62 22.41 -2.37 -2.92
N LYS A 63 22.02 -2.15 -4.17
CA LYS A 63 22.97 -1.96 -5.25
C LYS A 63 23.45 -0.51 -5.29
N SER A 64 22.73 0.36 -4.57
CA SER A 64 23.10 1.76 -4.52
C SER A 64 22.65 2.29 -3.16
N ASP A 65 23.26 3.40 -2.78
CA ASP A 65 22.89 4.07 -1.54
C ASP A 65 22.29 5.43 -1.98
N VAL A 66 21.25 5.77 -1.25
CA VAL A 66 20.54 7.01 -1.56
C VAL A 66 20.29 7.74 -0.24
N GLU A 67 20.55 9.03 -0.24
CA GLU A 67 20.32 9.85 0.94
C GLU A 67 18.87 9.67 1.40
N ASP A 68 18.63 9.50 2.69
CA ASP A 68 17.30 9.13 3.19
C ASP A 68 16.15 10.05 2.80
N HIS A 69 16.39 11.35 2.80
CA HIS A 69 15.34 12.30 2.40
C HIS A 69 15.09 12.17 0.90
N SER A 70 16.16 12.18 0.10
CA SER A 70 16.04 11.99 -1.34
C SER A 70 15.23 10.72 -1.65
N VAL A 71 15.58 9.61 -1.00
CA VAL A 71 14.86 8.36 -1.32
C VAL A 71 13.39 8.45 -0.95
N HIS A 72 13.11 9.11 0.16
CA HIS A 72 11.71 9.32 0.56
C HIS A 72 10.95 10.09 -0.51
N LEU A 73 11.54 11.18 -1.04
CA LEU A 73 10.87 11.98 -2.06
C LEU A 73 10.75 11.21 -3.36
N LEU A 74 11.74 10.35 -3.69
CA LEU A 74 11.60 9.54 -4.89
C LEU A 74 10.43 8.55 -4.75
N PHE A 75 10.29 7.96 -3.57
CA PHE A 75 9.14 7.05 -3.36
C PHE A 75 7.84 7.80 -3.58
N SER A 76 7.76 9.04 -3.11
CA SER A 76 6.51 9.81 -3.32
C SER A 76 6.33 10.20 -4.76
N ALA A 77 7.39 10.69 -5.42
CA ALA A 77 7.34 11.04 -6.82
C ALA A 77 6.87 9.84 -7.66
N ASN A 78 7.29 8.66 -7.26
CA ASN A 78 6.90 7.42 -7.96
C ASN A 78 5.40 7.17 -7.89
N ARG A 79 4.77 7.68 -6.84
CA ARG A 79 3.30 7.67 -6.80
C ARG A 79 2.73 8.78 -7.67
N TRP A 80 3.23 10.02 -7.56
CA TRP A 80 2.67 11.11 -8.35
C TRP A 80 2.72 10.87 -9.85
N GLU A 81 3.80 10.24 -10.31
CA GLU A 81 3.89 10.07 -11.77
C GLU A 81 2.82 9.11 -12.27
N GLN A 82 2.20 8.35 -11.36
CA GLN A 82 1.12 7.45 -11.78
C GLN A 82 -0.24 8.07 -11.54
N VAL A 83 -0.30 9.30 -11.00
CA VAL A 83 -1.62 9.90 -10.70
C VAL A 83 -2.49 10.18 -11.90
N PRO A 84 -1.98 10.66 -13.01
CA PRO A 84 -2.81 10.86 -14.20
C PRO A 84 -3.44 9.52 -14.62
N LEU A 85 -2.70 8.42 -14.61
CA LEU A 85 -3.22 7.11 -14.93
C LEU A 85 -4.28 6.69 -13.92
N ILE A 86 -3.98 6.81 -12.63
CA ILE A 86 -4.91 6.45 -11.58
C ILE A 86 -6.22 7.21 -11.76
N LYS A 87 -6.13 8.53 -11.98
CA LYS A 87 -7.37 9.28 -12.14
C LYS A 87 -8.13 8.89 -13.40
N GLU A 88 -7.40 8.66 -14.47
CA GLU A 88 -8.06 8.28 -15.72
C GLU A 88 -8.77 6.94 -15.53
N LYS A 89 -8.00 5.97 -15.00
CA LYS A 89 -8.68 4.65 -14.83
C LYS A 89 -9.88 4.70 -13.94
N LEU A 90 -9.79 5.35 -12.78
CA LEU A 90 -10.91 5.42 -11.84
C LEU A 90 -12.08 6.13 -12.53
N SER A 91 -11.76 7.21 -13.26
CA SER A 91 -12.89 7.91 -13.93
C SER A 91 -13.53 7.05 -14.99
N GLN A 92 -12.84 6.08 -15.52
CA GLN A 92 -13.39 5.18 -16.54
C GLN A 92 -14.14 4.00 -15.93
N GLY A 93 -14.23 3.98 -14.62
CA GLY A 93 -14.94 2.94 -13.89
C GLY A 93 -14.07 1.74 -13.51
N VAL A 94 -12.76 1.86 -13.64
CA VAL A 94 -11.87 0.75 -13.33
C VAL A 94 -11.47 0.82 -11.86
N THR A 95 -11.67 -0.21 -11.06
CA THR A 95 -11.24 -0.24 -9.67
C THR A 95 -9.76 -0.58 -9.68
N LEU A 96 -9.01 0.13 -8.84
CA LEU A 96 -7.57 -0.14 -8.77
C LEU A 96 -7.26 -0.72 -7.39
N VAL A 97 -6.57 -1.85 -7.44
CA VAL A 97 -6.09 -2.53 -6.23
C VAL A 97 -4.58 -2.25 -6.13
N VAL A 98 -4.15 -1.65 -5.04
CA VAL A 98 -2.73 -1.16 -4.98
C VAL A 98 -1.96 -1.79 -3.85
N ASP A 99 -0.89 -2.50 -4.20
CA ASP A 99 -0.01 -3.18 -3.24
C ASP A 99 0.99 -2.15 -2.71
N ARG A 100 0.72 -1.66 -1.51
CA ARG A 100 1.43 -0.60 -0.85
C ARG A 100 1.12 0.77 -1.47
N TYR A 101 1.15 1.79 -0.60
CA TYR A 101 0.90 3.16 -1.11
C TYR A 101 1.64 4.15 -0.21
N ALA A 102 1.06 5.31 -0.03
CA ALA A 102 1.76 6.35 0.74
C ALA A 102 1.97 5.92 2.18
N PHE A 103 1.15 4.98 2.70
CA PHE A 103 1.31 4.60 4.11
C PHE A 103 2.65 3.91 4.30
N SER A 104 3.00 2.99 3.40
CA SER A 104 4.33 2.36 3.50
C SER A 104 5.41 3.45 3.34
N GLY A 105 5.11 4.42 2.48
CA GLY A 105 6.10 5.53 2.27
C GLY A 105 6.43 6.18 3.61
N VAL A 106 5.37 6.50 4.33
CA VAL A 106 5.59 7.19 5.62
C VAL A 106 6.14 6.25 6.65
N ALA A 107 5.60 5.01 6.72
CA ALA A 107 6.05 4.10 7.77
C ALA A 107 7.49 3.67 7.70
N PHE A 108 8.01 3.44 6.49
CA PHE A 108 9.37 3.00 6.35
C PHE A 108 10.34 4.16 6.54
N THR A 109 10.05 5.33 5.95
CA THR A 109 11.03 6.41 6.24
C THR A 109 10.91 6.82 7.70
N GLY A 110 9.67 6.84 8.20
CA GLY A 110 9.44 7.25 9.58
C GLY A 110 10.05 6.31 10.61
N ALA A 111 10.44 5.12 10.19
CA ALA A 111 11.12 4.17 11.08
C ALA A 111 12.59 4.55 11.26
N LYS A 112 13.07 5.46 10.41
CA LYS A 112 14.47 5.90 10.47
C LYS A 112 14.59 6.97 11.53
N GLU A 113 15.81 7.17 12.06
CA GLU A 113 15.96 8.20 13.10
C GLU A 113 15.80 9.61 12.57
N ASN A 114 15.16 10.49 13.33
CA ASN A 114 14.99 11.89 12.96
C ASN A 114 14.17 12.17 11.72
N PHE A 115 13.14 11.37 11.50
CA PHE A 115 12.17 11.57 10.45
C PHE A 115 10.79 11.67 11.11
N SER A 116 10.25 12.88 11.18
CA SER A 116 8.93 13.00 11.81
C SER A 116 7.84 12.44 10.87
N LEU A 117 6.75 12.00 11.50
CA LEU A 117 5.65 11.51 10.65
C LEU A 117 5.13 12.63 9.76
N ASP A 118 5.04 13.86 10.32
CA ASP A 118 4.57 15.00 9.57
C ASP A 118 5.43 15.22 8.32
N TRP A 119 6.74 15.31 8.47
CA TRP A 119 7.58 15.56 7.28
C TRP A 119 7.37 14.44 6.25
N CYS A 120 7.31 13.21 6.76
CA CYS A 120 7.18 12.07 5.86
C CYS A 120 5.87 12.09 5.08
N LYS A 121 4.81 12.59 5.71
CA LYS A 121 3.54 12.62 4.98
C LYS A 121 3.45 13.67 3.89
N GLN A 122 4.12 14.82 4.04
CA GLN A 122 3.84 15.94 3.18
C GLN A 122 3.92 15.74 1.67
N PRO A 123 4.93 15.05 1.15
CA PRO A 123 5.06 14.89 -0.28
C PRO A 123 3.83 14.20 -0.87
N ASP A 124 3.24 13.31 -0.05
CA ASP A 124 2.07 12.55 -0.53
C ASP A 124 0.76 13.28 -0.31
N VAL A 125 0.77 14.44 0.32
CA VAL A 125 -0.50 15.16 0.52
C VAL A 125 -1.11 15.53 -0.80
N GLY A 126 -2.41 15.21 -1.00
CA GLY A 126 -3.05 15.52 -2.24
C GLY A 126 -3.15 14.36 -3.23
N LEU A 127 -2.48 13.24 -2.94
CA LEU A 127 -2.60 12.09 -3.84
C LEU A 127 -4.07 11.62 -3.82
N PRO A 128 -4.43 10.90 -4.87
CA PRO A 128 -5.75 10.25 -4.84
C PRO A 128 -5.92 9.52 -3.51
N LYS A 129 -7.02 9.81 -2.82
CA LYS A 129 -7.29 9.20 -1.53
C LYS A 129 -7.89 7.82 -1.70
N PRO A 130 -7.35 6.79 -1.09
CA PRO A 130 -7.96 5.47 -1.19
C PRO A 130 -9.36 5.47 -0.59
N ASP A 131 -10.20 4.69 -1.25
CA ASP A 131 -11.56 4.52 -0.68
C ASP A 131 -11.57 3.51 0.43
N LEU A 132 -10.59 2.62 0.46
CA LEU A 132 -10.44 1.54 1.39
C LEU A 132 -8.96 1.22 1.61
N VAL A 133 -8.52 1.18 2.83
CA VAL A 133 -7.13 0.82 3.14
C VAL A 133 -7.14 -0.43 4.00
N LEU A 134 -6.73 -1.56 3.42
CA LEU A 134 -6.68 -2.79 4.18
C LEU A 134 -5.34 -2.94 4.87
N PHE A 135 -5.36 -3.29 6.15
CA PHE A 135 -4.08 -3.52 6.83
C PHE A 135 -3.98 -4.97 7.28
N LEU A 136 -3.09 -5.71 6.65
CA LEU A 136 -2.95 -7.15 6.94
C LEU A 136 -2.08 -7.40 8.18
N GLN A 137 -2.72 -7.77 9.28
CA GLN A 137 -2.03 -7.98 10.56
C GLN A 137 -1.61 -9.42 10.76
N LEU A 138 -0.41 -9.64 11.29
CA LEU A 138 0.11 -10.97 11.51
C LEU A 138 1.14 -10.96 12.66
N GLN A 139 1.02 -11.87 13.62
CA GLN A 139 1.98 -11.95 14.70
C GLN A 139 3.31 -12.47 14.15
N LEU A 140 4.41 -11.97 14.69
CA LEU A 140 5.75 -12.35 14.21
C LEU A 140 5.98 -13.85 14.22
N ALA A 141 5.55 -14.54 15.28
CA ALA A 141 5.73 -16.01 15.29
C ALA A 141 5.12 -16.58 14.01
N ASP A 142 3.96 -16.04 13.62
CA ASP A 142 3.28 -16.54 12.42
C ASP A 142 4.01 -16.10 11.15
N ALA A 143 4.58 -14.90 11.12
CA ALA A 143 5.27 -14.45 9.92
C ALA A 143 6.52 -15.29 9.67
N ALA A 144 7.17 -15.70 10.76
CA ALA A 144 8.38 -16.48 10.71
C ALA A 144 8.17 -17.83 10.03
N LYS A 145 6.98 -18.39 10.19
CA LYS A 145 6.69 -19.67 9.55
C LYS A 145 6.58 -19.45 8.04
N ARG A 146 6.56 -18.18 7.64
CA ARG A 146 6.46 -17.86 6.22
C ARG A 146 7.86 -17.65 5.65
N GLY A 147 8.73 -18.61 5.96
CA GLY A 147 10.10 -18.61 5.47
C GLY A 147 11.00 -17.63 6.20
N ALA A 148 12.02 -17.13 5.50
CA ALA A 148 12.95 -16.19 6.11
C ALA A 148 12.94 -14.82 5.44
N PHE A 149 13.54 -13.86 6.14
CA PHE A 149 13.64 -12.51 5.62
C PHE A 149 14.30 -12.55 4.24
N GLY A 150 14.11 -11.49 3.46
CA GLY A 150 14.74 -11.41 2.15
C GLY A 150 16.09 -10.71 2.35
N HIS A 151 16.77 -10.41 1.25
CA HIS A 151 18.06 -9.74 1.35
C HIS A 151 17.94 -8.24 1.09
N GLU A 152 16.72 -7.76 0.84
CA GLU A 152 16.55 -6.35 0.53
C GLU A 152 16.69 -5.46 1.76
N ARG A 153 16.81 -4.16 1.49
CA ARG A 153 16.89 -3.20 2.61
C ARG A 153 15.57 -3.27 3.37
N TYR A 154 15.61 -2.97 4.64
CA TYR A 154 14.49 -2.86 5.55
C TYR A 154 13.97 -4.22 6.02
N GLU A 155 14.56 -5.29 5.47
CA GLU A 155 14.08 -6.63 5.84
C GLU A 155 14.78 -7.17 7.07
N ASN A 156 14.43 -6.62 8.22
CA ASN A 156 14.96 -7.09 9.50
C ASN A 156 13.94 -6.70 10.57
N GLY A 157 13.85 -7.60 11.55
CA GLY A 157 12.89 -7.41 12.61
C GLY A 157 12.86 -6.07 13.29
N ALA A 158 14.02 -5.52 13.69
CA ALA A 158 13.97 -4.28 14.43
C ALA A 158 13.40 -3.14 13.59
N PHE A 159 13.79 -3.11 12.33
CA PHE A 159 13.33 -1.98 11.49
C PHE A 159 11.82 -2.16 11.18
N GLN A 160 11.44 -3.42 10.98
CA GLN A 160 10.03 -3.71 10.69
C GLN A 160 9.14 -3.30 11.85
N GLU A 161 9.64 -3.55 13.05
CA GLU A 161 8.92 -3.18 14.28
C GLU A 161 8.72 -1.68 14.37
N ARG A 162 9.72 -0.87 14.03
CA ARG A 162 9.59 0.56 14.07
C ARG A 162 8.58 1.00 12.99
N ALA A 163 8.65 0.31 11.83
CA ALA A 163 7.70 0.68 10.76
C ALA A 163 6.27 0.44 11.22
N LEU A 164 6.10 -0.71 11.88
CA LEU A 164 4.79 -1.10 12.42
C LEU A 164 4.25 -0.04 13.36
N ARG A 165 5.10 0.50 14.26
CA ARG A 165 4.63 1.56 15.15
C ARG A 165 4.14 2.75 14.36
N CYS A 166 4.86 3.07 13.27
CA CYS A 166 4.42 4.18 12.42
C CYS A 166 3.08 3.85 11.79
N PHE A 167 2.95 2.61 11.28
CA PHE A 167 1.65 2.26 10.71
C PHE A 167 0.52 2.48 11.72
N HIS A 168 0.72 2.10 12.96
CA HIS A 168 -0.32 2.28 13.99
C HIS A 168 -0.64 3.75 14.18
N GLN A 169 0.34 4.64 14.05
CA GLN A 169 0.03 6.07 14.19
C GLN A 169 -0.86 6.52 13.03
N LEU A 170 -0.54 6.02 11.81
CA LEU A 170 -1.32 6.41 10.66
C LEU A 170 -2.76 5.93 10.72
N MET A 171 -2.96 4.83 11.41
CA MET A 171 -4.29 4.26 11.51
C MET A 171 -5.19 5.06 12.46
N LYS A 172 -4.63 6.00 13.18
CA LYS A 172 -5.43 6.86 14.03
C LYS A 172 -6.14 7.88 13.17
N ASP A 173 -5.73 8.02 11.91
CA ASP A 173 -6.31 8.97 11.00
C ASP A 173 -7.69 8.51 10.53
N THR A 174 -8.73 9.14 11.06
CA THR A 174 -10.10 8.80 10.76
C THR A 174 -10.59 9.36 9.44
N THR A 175 -9.75 10.14 8.73
CA THR A 175 -10.23 10.61 7.43
C THR A 175 -10.16 9.40 6.48
N LEU A 176 -9.55 8.31 6.97
CA LEU A 176 -9.35 7.18 6.04
C LEU A 176 -10.11 5.94 6.45
N ASN A 177 -10.58 5.23 5.43
CA ASN A 177 -11.35 4.00 5.66
C ASN A 177 -10.42 2.82 5.85
N TRP A 178 -9.83 2.72 7.02
CA TRP A 178 -8.95 1.63 7.36
C TRP A 178 -9.77 0.38 7.77
N LYS A 179 -9.35 -0.78 7.27
CA LYS A 179 -9.94 -2.02 7.74
C LYS A 179 -8.79 -2.98 8.11
N MET A 180 -8.88 -3.56 9.31
CA MET A 180 -7.87 -4.49 9.74
C MET A 180 -8.25 -5.88 9.20
N VAL A 181 -7.26 -6.62 8.75
CA VAL A 181 -7.47 -7.97 8.25
C VAL A 181 -6.59 -8.93 9.01
N ASP A 182 -7.21 -10.02 9.49
CA ASP A 182 -6.40 -11.04 10.20
C ASP A 182 -5.68 -11.92 9.19
N ALA A 183 -4.44 -11.56 8.87
CA ALA A 183 -3.70 -12.28 7.84
C ALA A 183 -3.05 -13.57 8.29
N SER A 184 -3.41 -14.03 9.50
CA SER A 184 -2.85 -15.28 10.00
C SER A 184 -3.59 -16.50 9.48
N LYS A 185 -4.78 -16.29 8.91
CA LYS A 185 -5.53 -17.42 8.37
C LYS A 185 -4.91 -17.90 7.06
N SER A 186 -5.57 -18.87 6.43
CA SER A 186 -5.08 -19.43 5.19
C SER A 186 -5.15 -18.33 4.10
N ILE A 187 -4.42 -18.59 3.03
CA ILE A 187 -4.49 -17.64 1.91
C ILE A 187 -5.93 -17.45 1.46
N GLU A 188 -6.68 -18.55 1.30
CA GLU A 188 -8.05 -18.45 0.84
C GLU A 188 -8.95 -17.75 1.86
N ALA A 189 -8.70 -18.02 3.16
CA ALA A 189 -9.60 -17.36 4.13
C ALA A 189 -9.39 -15.86 4.20
N VAL A 190 -8.09 -15.51 4.19
CA VAL A 190 -7.77 -14.07 4.18
C VAL A 190 -8.38 -13.45 2.93
N HIS A 191 -8.22 -14.15 1.80
CA HIS A 191 -8.74 -13.61 0.54
C HIS A 191 -10.22 -13.31 0.62
N GLU A 192 -10.98 -14.26 1.17
CA GLU A 192 -12.44 -14.05 1.23
C GLU A 192 -12.75 -12.83 2.07
N ASP A 193 -12.06 -12.63 3.20
CA ASP A 193 -12.28 -11.45 4.03
C ASP A 193 -12.08 -10.16 3.24
N ILE A 194 -10.95 -10.16 2.50
CA ILE A 194 -10.58 -8.98 1.71
C ILE A 194 -11.56 -8.70 0.59
N ARG A 195 -11.96 -9.80 -0.09
CA ARG A 195 -12.83 -9.72 -1.24
C ARG A 195 -14.16 -9.10 -0.84
N VAL A 196 -14.71 -9.55 0.28
CA VAL A 196 -16.00 -9.02 0.71
C VAL A 196 -15.90 -7.56 1.11
N LEU A 197 -14.81 -7.20 1.80
CA LEU A 197 -14.62 -5.78 2.16
C LEU A 197 -14.52 -4.91 0.91
N SER A 198 -13.81 -5.48 -0.08
CA SER A 198 -13.62 -4.79 -1.33
C SER A 198 -14.90 -4.58 -2.14
N GLU A 199 -15.72 -5.62 -2.29
CA GLU A 199 -17.00 -5.45 -2.99
C GLU A 199 -17.83 -4.35 -2.36
N ASP A 200 -17.82 -4.29 -1.05
CA ASP A 200 -18.61 -3.26 -0.34
C ASP A 200 -18.10 -1.87 -0.69
N ALA A 201 -16.77 -1.75 -0.70
CA ALA A 201 -16.20 -0.44 -1.02
C ALA A 201 -16.47 0.01 -2.44
N ILE A 202 -16.40 -0.92 -3.37
CA ILE A 202 -16.58 -0.63 -4.78
C ILE A 202 -18.00 -0.08 -4.99
N ALA A 203 -18.92 -0.68 -4.26
CA ALA A 203 -20.33 -0.32 -4.36
C ALA A 203 -20.60 1.06 -3.77
N THR A 204 -19.86 1.43 -2.74
CA THR A 204 -20.05 2.78 -2.18
C THR A 204 -19.20 3.86 -2.84
N ALA A 205 -18.03 3.55 -3.41
CA ALA A 205 -17.19 4.55 -4.04
C ALA A 205 -17.86 5.23 -5.20
N THR A 206 -18.70 4.47 -5.95
CA THR A 206 -19.39 5.19 -7.03
C THR A 206 -20.24 6.32 -6.41
N GLU A 207 -20.21 6.58 -5.11
CA GLU A 207 -21.14 7.62 -4.64
C GLU A 207 -20.50 8.97 -4.34
N LYS A 208 -19.28 8.98 -3.83
CA LYS A 208 -18.66 10.29 -3.50
C LYS A 208 -17.49 10.44 -4.45
N PRO A 209 -17.11 11.66 -4.78
CA PRO A 209 -15.96 11.87 -5.65
C PRO A 209 -14.68 11.32 -4.99
N LEU A 210 -13.73 11.07 -5.85
CA LEU A 210 -12.39 10.64 -5.38
C LEU A 210 -11.86 11.74 -4.47
N GLY A 211 -11.40 11.40 -3.28
CA GLY A 211 -10.85 12.35 -2.34
C GLY A 211 -9.34 12.60 -2.58
N GLU A 212 -8.85 13.51 -1.77
CA GLU A 212 -7.41 13.85 -1.78
C GLU A 212 -6.87 13.42 -0.44
N LEU A 213 -5.74 12.70 -0.48
CA LEU A 213 -5.13 12.21 0.74
C LEU A 213 -4.51 13.29 1.64
N TRP A 214 -4.88 13.18 2.91
CA TRP A 214 -4.23 14.04 3.92
C TRP A 214 -4.40 15.53 3.68
N LYS A 215 -5.58 15.84 3.13
CA LYS A 215 -5.98 17.26 2.97
C LYS A 215 -7.50 17.34 2.82
P ATM B . 8.20 -4.91 -1.99
P ATM B . 7.44 -4.65 -1.12
OP1 ATM B . 8.46 -6.32 -1.70
OP1 ATM B . 6.03 -4.32 -1.46
OP2 ATM B . 6.80 -4.43 -1.86
OP2 ATM B . 7.70 -5.37 0.16
OP3 ATM B . 8.86 -4.41 -3.36
OP3 ATM B . 8.26 -5.33 -2.29
O5' ATM B . 9.08 -4.00 -1.00
O5' ATM B . 8.12 -3.18 -1.05
C5' ATM B . 9.07 -2.56 -1.23
C5' ATM B . 9.57 -3.07 -1.11
C4' ATM B . 9.93 -1.89 -0.12
C4' ATM B . 10.02 -2.01 -0.07
O4' ATM B . 10.00 -0.48 -0.08
O4' ATM B . 9.66 -0.66 -0.29
C3' ATM B . 9.49 -2.37 1.23
C3' ATM B . 9.53 -2.39 1.30
N3' ATM B . 10.69 -2.66 2.10
N3' ATM B . 10.67 -2.48 2.29
N4' ATM B . 10.49 -3.56 2.91
N4' ATM B . 10.40 -3.19 3.26
N5' ATM B . 10.60 -4.29 3.78
N5' ATM B . 10.06 -3.90 4.09
C2' ATM B . 8.65 -1.17 1.76
C2' ATM B . 8.58 -1.21 1.68
C1' ATM B . 9.37 0.01 1.07
C1' ATM B . 9.28 -0.06 0.94
N1 ATM B . 8.66 1.23 0.69
N1 ATM B . 8.64 1.23 0.69
C2 ATM B . 9.23 2.44 1.16
C2 ATM B . 9.22 2.43 1.17
O2 ATM B . 10.20 2.44 1.91
O2 ATM B . 10.21 2.46 1.92
N3 ATM B . 8.56 3.56 0.76
N3 ATM B . 8.57 3.57 0.75
C4 ATM B . 7.47 3.51 -0.09
C4 ATM B . 7.47 3.56 -0.09
O4 ATM B . 6.88 4.67 -0.48
O4 ATM B . 6.86 4.72 -0.51
C5 ATM B . 6.94 2.21 -0.58
C5 ATM B . 6.93 2.26 -0.56
C5A ATM B . 5.75 2.19 -1.46
C5A ATM B . 5.74 2.23 -1.45
C6 ATM B . 7.60 1.08 -0.14
C6 ATM B . 7.57 1.12 -0.13
PB ADP C . 3.91 -9.55 1.29
O1B ADP C . 3.24 -8.91 2.42
O2B ADP C . 3.61 -8.98 -0.05
O3B ADP C . 5.50 -9.62 1.51
PA ADP C . 3.53 -12.23 0.13
O1A ADP C . 2.16 -12.28 -0.51
O2A ADP C . 4.72 -12.02 -0.73
O3A ADP C . 3.44 -11.11 1.31
O5' ADP C . 3.60 -13.54 1.01
C5' ADP C . 4.80 -13.86 1.73
C4' ADP C . 4.99 -15.37 1.71
O4' ADP C . 4.01 -15.95 2.56
C3' ADP C . 4.88 -16.07 0.36
O3' ADP C . 5.74 -17.18 0.43
C2' ADP C . 3.39 -16.52 0.38
O2' ADP C . 3.11 -17.68 -0.35
C1' ADP C . 3.17 -16.80 1.87
N9 ADP C . 1.80 -16.48 2.31
C8 ADP C . 1.04 -15.37 1.97
N7 ADP C . -0.11 -15.34 2.61
C5 ADP C . -0.11 -16.50 3.42
C6 ADP C . -1.03 -17.03 4.33
N6 ADP C . -2.17 -16.50 4.61
N1 ADP C . -0.62 -18.18 4.90
C2 ADP C . 0.54 -18.80 4.67
N3 ADP C . 1.47 -18.35 3.82
C4 ADP C . 1.06 -17.22 3.27
PG ANP D . 6.47 -8.22 1.61
O1G ANP D . 7.79 -8.86 1.58
O2G ANP D . 6.18 -7.38 2.85
O3G ANP D . 6.04 -7.64 0.34
PB ANP D . 3.91 -9.66 1.32
O1B ANP D . 2.90 -9.29 2.31
O2B ANP D . 3.85 -8.99 0.02
N3B ANP D . 5.44 -9.50 1.98
PA ANP D . 3.40 -12.20 0.09
O1A ANP D . 2.02 -12.08 -0.37
O2A ANP D . 4.51 -12.07 -0.93
O3A ANP D . 3.69 -11.23 1.31
O5' ANP D . 3.63 -13.63 0.82
C5' ANP D . 4.84 -13.90 1.58
C4' ANP D . 5.05 -15.42 1.57
O4' ANP D . 4.14 -15.95 2.53
C3' ANP D . 4.71 -16.06 0.22
O3' ANP D . 5.41 -17.31 -0.03
C2' ANP D . 3.26 -16.42 0.34
O2' ANP D . 2.90 -17.63 -0.41
C1' ANP D . 3.17 -16.76 1.84
N9 ANP D . 1.82 -16.45 2.34
C8 ANP D . 1.05 -15.35 2.02
N7 ANP D . -0.09 -15.35 2.66
C5 ANP D . -0.07 -16.50 3.43
C6 ANP D . -1.02 -17.06 4.32
N6 ANP D . -2.22 -16.51 4.62
N1 ANP D . -0.64 -18.21 4.90
C2 ANP D . 0.55 -18.76 4.63
N3 ANP D . 1.50 -18.34 3.81
C4 ANP D . 1.10 -17.17 3.25
MG MG E . 4.83 -8.03 -1.39
MG MG F . 2.27 21.49 7.56
#